data_8IYA
#
_entry.id   8IYA
#
_cell.length_a   102.747
_cell.length_b   50.077
_cell.length_c   109.248
_cell.angle_alpha   90.000
_cell.angle_beta   91.754
_cell.angle_gamma   90.000
#
_symmetry.space_group_name_H-M   'C 1 2 1'
#
loop_
_entity.id
_entity.type
_entity.pdbx_description
1 polymer 'Ubiquitin-conjugating enzyme E2 E1'
2 polymer 'Histone-lysine N-methyltransferase SETDB1'
3 non-polymer 'SULFATE ION'
4 water water
#
loop_
_entity_poly.entity_id
_entity_poly.type
_entity_poly.pdbx_seq_one_letter_code
_entity_poly.pdbx_strand_id
1 'polypeptide(L)'
;MHHHHHHHHLEVLFQGPNSKLLSTSAKRIQKELADITLDPPPNSSAGPKGDNIYEWRSTILGPPGSVYEGGVFFLDITFT
PEYPFKPPKVTFRTRIYHPNINSQGVICLDILKDNWSPALTISKVLLSISSLLTDPNPADPLVGSIATQYMTNRAEHDRM
ARQWTKRYAT
;
B,A,C
2 'polypeptide(L)' CEGYES D,E,F
#
# COMPACT_ATOMS: atom_id res chain seq x y z
N GLU A 11 -1.86 39.33 19.31
CA GLU A 11 -1.48 40.34 18.31
C GLU A 11 -0.73 39.71 17.14
N VAL A 12 0.51 39.30 17.39
CA VAL A 12 1.29 38.48 16.47
C VAL A 12 0.93 37.02 16.73
N LEU A 13 0.19 36.40 15.79
CA LEU A 13 -0.30 35.03 15.91
C LEU A 13 0.14 34.22 14.70
N PHE A 14 0.69 33.02 14.96
CA PHE A 14 1.25 32.20 13.90
C PHE A 14 0.21 31.51 13.02
N GLN A 15 -1.08 31.54 13.37
CA GLN A 15 -2.11 31.00 12.48
C GLN A 15 -1.89 29.59 11.93
N GLY A 16 -1.62 28.67 12.84
CA GLY A 16 -1.36 27.31 12.46
C GLY A 16 -0.95 26.52 13.68
N PRO A 17 -0.49 25.28 13.46
CA PRO A 17 -0.14 24.42 14.59
C PRO A 17 1.31 24.59 15.00
N ASN A 18 1.53 24.58 16.31
CA ASN A 18 2.86 24.58 16.91
C ASN A 18 3.37 23.13 16.93
N SER A 19 4.05 22.76 15.86
CA SER A 19 4.63 21.43 15.81
C SER A 19 6.10 21.65 15.84
N LYS A 20 6.86 20.57 15.85
CA LYS A 20 8.29 20.72 15.77
C LYS A 20 8.62 20.58 14.30
N LEU A 21 7.87 19.73 13.62
CA LEU A 21 8.10 19.57 12.21
C LEU A 21 6.90 19.86 11.35
N LEU A 22 6.86 21.06 10.81
CA LEU A 22 5.80 21.40 9.92
C LEU A 22 6.34 21.12 8.55
N SER A 23 7.61 20.80 8.47
CA SER A 23 8.25 20.59 7.19
C SER A 23 7.56 19.55 6.31
N THR A 24 7.39 18.34 6.83
CA THR A 24 6.79 17.29 6.02
C THR A 24 5.35 17.63 5.64
N SER A 25 4.56 18.06 6.63
CA SER A 25 3.15 18.35 6.37
C SER A 25 2.98 19.51 5.37
N ALA A 26 3.61 20.66 5.65
CA ALA A 26 3.46 21.83 4.77
C ALA A 26 3.97 21.55 3.36
N LYS A 27 5.11 20.86 3.24
CA LYS A 27 5.63 20.55 1.91
C LYS A 27 4.62 19.73 1.11
N ARG A 28 4.03 18.71 1.74
CA ARG A 28 3.08 17.85 1.05
C ARG A 28 1.78 18.58 0.76
N ILE A 29 1.39 19.52 1.63
CA ILE A 29 0.12 20.21 1.46
C ILE A 29 0.20 21.18 0.28
N GLN A 30 1.32 21.92 0.15
CA GLN A 30 1.50 22.80 -1.00
C GLN A 30 1.54 22.00 -2.31
N LYS A 31 2.17 20.82 -2.29
CA LYS A 31 2.16 19.95 -3.47
C LYS A 31 0.75 19.48 -3.80
N GLU A 32 -0.04 19.19 -2.77
CA GLU A 32 -1.42 18.76 -3.03
C GLU A 32 -2.26 19.93 -3.52
N LEU A 33 -2.03 21.13 -2.96
CA LEU A 33 -2.78 22.31 -3.38
C LEU A 33 -2.60 22.57 -4.87
N ALA A 34 -1.36 22.49 -5.34
CA ALA A 34 -1.03 22.80 -6.74
C ALA A 34 -1.61 21.75 -7.68
N ASP A 35 -1.51 20.48 -7.31
CA ASP A 35 -2.09 19.42 -8.15
C ASP A 35 -3.61 19.58 -8.25
N ILE A 36 -4.26 19.95 -7.15
CA ILE A 36 -5.72 19.99 -7.18
C ILE A 36 -6.22 21.21 -7.90
N THR A 37 -5.39 22.24 -8.02
CA THR A 37 -5.77 23.38 -8.85
C THR A 37 -5.51 23.13 -10.32
N LEU A 38 -4.45 22.38 -10.62
CA LEU A 38 -4.19 21.91 -11.97
C LEU A 38 -5.25 20.90 -12.41
N ASP A 39 -5.51 19.89 -11.57
CA ASP A 39 -6.29 18.73 -11.99
C ASP A 39 -7.38 18.41 -10.97
N PRO A 40 -8.40 19.26 -10.87
CA PRO A 40 -9.40 19.07 -9.83
C PRO A 40 -10.24 17.83 -10.14
N PRO A 41 -10.68 17.12 -9.11
CA PRO A 41 -11.59 15.99 -9.34
C PRO A 41 -12.86 16.49 -9.99
N PRO A 42 -13.59 15.64 -10.69
CA PRO A 42 -14.82 16.10 -11.34
C PRO A 42 -15.82 16.63 -10.32
N ASN A 43 -16.43 17.77 -10.65
CA ASN A 43 -17.47 18.37 -9.81
C ASN A 43 -16.97 18.78 -8.45
N SER A 44 -15.68 18.99 -8.25
CA SER A 44 -15.20 19.32 -6.92
C SER A 44 -14.15 20.42 -6.99
N SER A 45 -14.03 21.12 -5.89
CA SER A 45 -13.09 22.22 -5.74
C SER A 45 -12.58 22.23 -4.30
N ALA A 46 -11.36 22.69 -4.09
CA ALA A 46 -10.85 22.76 -2.72
C ALA A 46 -9.64 23.69 -2.63
N GLY A 47 -9.58 24.49 -1.57
CA GLY A 47 -8.42 25.31 -1.32
C GLY A 47 -8.44 25.92 0.07
N PRO A 48 -7.34 26.56 0.48
CA PRO A 48 -7.30 27.18 1.81
C PRO A 48 -8.31 28.32 1.93
N LYS A 49 -8.90 28.43 3.14
CA LYS A 49 -9.83 29.51 3.43
C LYS A 49 -9.12 30.85 3.46
N GLY A 50 -7.97 30.90 4.13
CA GLY A 50 -7.22 32.13 4.32
C GLY A 50 -5.72 31.90 4.39
N ASP A 51 -5.08 32.31 5.49
CA ASP A 51 -3.63 32.25 5.59
C ASP A 51 -3.11 30.88 5.98
N ASN A 52 -3.93 30.03 6.55
CA ASN A 52 -3.50 28.78 7.16
C ASN A 52 -3.68 27.66 6.15
N ILE A 53 -2.60 27.19 5.56
CA ILE A 53 -2.67 26.10 4.59
C ILE A 53 -3.12 24.76 5.21
N TYR A 54 -3.29 24.72 6.54
CA TYR A 54 -3.84 23.54 7.19
C TYR A 54 -5.36 23.55 7.30
N GLU A 55 -6.02 24.63 6.87
CA GLU A 55 -7.48 24.77 6.94
C GLU A 55 -8.02 25.04 5.54
N TRP A 56 -8.58 24.02 4.91
CA TRP A 56 -9.16 24.20 3.58
C TRP A 56 -10.68 24.19 3.62
N ARG A 57 -11.22 24.50 2.47
CA ARG A 57 -12.65 24.52 2.23
C ARG A 57 -12.88 23.86 0.89
N SER A 58 -13.97 23.12 0.77
CA SER A 58 -14.24 22.40 -0.44
C SER A 58 -15.70 22.57 -0.83
N THR A 59 -15.93 22.61 -2.13
CA THR A 59 -17.26 22.62 -2.71
C THR A 59 -17.41 21.32 -3.48
N ILE A 60 -18.54 20.66 -3.32
CA ILE A 60 -18.84 19.44 -4.06
C ILE A 60 -20.26 19.57 -4.61
N LEU A 61 -20.42 19.38 -5.92
CA LEU A 61 -21.74 19.24 -6.50
C LEU A 61 -22.22 17.80 -6.32
N GLY A 62 -23.50 17.65 -5.97
CA GLY A 62 -24.06 16.33 -5.79
C GLY A 62 -23.93 15.54 -7.07
N PRO A 63 -23.39 14.32 -7.00
CA PRO A 63 -23.05 13.57 -8.24
C PRO A 63 -24.26 13.42 -9.15
N PRO A 64 -24.07 13.63 -10.46
CA PRO A 64 -25.19 13.46 -11.41
C PRO A 64 -25.76 12.05 -11.35
N GLY A 65 -27.07 11.95 -11.54
CA GLY A 65 -27.76 10.69 -11.37
C GLY A 65 -28.06 10.33 -9.94
N SER A 66 -27.53 11.06 -8.98
CA SER A 66 -27.80 10.73 -7.60
C SER A 66 -28.98 11.56 -7.11
N VAL A 67 -29.53 11.14 -5.98
CA VAL A 67 -30.56 11.92 -5.31
C VAL A 67 -30.06 13.28 -4.85
N TYR A 68 -28.74 13.49 -4.83
CA TYR A 68 -28.15 14.76 -4.41
C TYR A 68 -27.94 15.70 -5.56
N GLU A 69 -28.28 15.28 -6.77
CA GLU A 69 -28.04 16.06 -7.97
C GLU A 69 -28.58 17.46 -7.82
N GLY A 70 -27.84 18.43 -8.35
CA GLY A 70 -28.24 19.81 -8.23
C GLY A 70 -27.95 20.45 -6.89
N GLY A 71 -27.51 19.65 -5.90
CA GLY A 71 -27.11 20.21 -4.63
C GLY A 71 -25.68 20.74 -4.67
N VAL A 72 -25.43 21.73 -3.83
CA VAL A 72 -24.10 22.31 -3.68
C VAL A 72 -23.71 22.06 -2.23
N PHE A 73 -22.66 21.27 -2.03
CA PHE A 73 -22.24 20.87 -0.69
C PHE A 73 -20.89 21.48 -0.36
N PHE A 74 -20.77 22.03 0.84
CA PHE A 74 -19.50 22.57 1.31
C PHE A 74 -18.92 21.69 2.41
N LEU A 75 -17.60 21.55 2.37
CA LEU A 75 -16.82 20.70 3.25
C LEU A 75 -15.75 21.55 3.93
N ASP A 76 -15.42 21.18 5.16
CA ASP A 76 -14.28 21.73 5.89
C ASP A 76 -13.21 20.67 5.92
N ILE A 77 -12.00 21.02 5.52
CA ILE A 77 -10.87 20.11 5.52
C ILE A 77 -9.77 20.70 6.41
N THR A 78 -9.42 19.98 7.46
CA THR A 78 -8.37 20.41 8.36
C THR A 78 -7.29 19.35 8.33
N PHE A 79 -6.06 19.76 8.07
CA PHE A 79 -4.90 18.89 8.13
C PHE A 79 -4.20 19.07 9.47
N THR A 80 -3.44 18.07 9.88
CA THR A 80 -2.59 18.19 11.05
C THR A 80 -1.11 18.12 10.65
N PRO A 81 -0.19 18.47 11.59
CA PRO A 81 1.26 18.35 11.30
C PRO A 81 1.73 16.92 11.07
N GLU A 82 0.85 15.95 11.23
CA GLU A 82 1.18 14.55 10.96
C GLU A 82 0.87 14.13 9.54
N TYR A 83 0.37 15.04 8.71
CA TYR A 83 0.01 14.70 7.35
C TYR A 83 1.28 14.47 6.54
N PRO A 84 1.32 13.48 5.64
CA PRO A 84 0.26 12.60 5.13
C PRO A 84 0.12 11.25 5.86
N PHE A 85 0.72 11.15 7.06
CA PHE A 85 0.68 9.90 7.80
C PHE A 85 -0.55 9.74 8.68
N LYS A 86 -1.25 10.85 8.97
CA LYS A 86 -2.57 10.83 9.59
C LYS A 86 -3.56 11.47 8.64
N PRO A 87 -4.77 10.93 8.52
CA PRO A 87 -5.71 11.47 7.57
C PRO A 87 -6.11 12.89 7.97
N PRO A 88 -6.51 13.71 7.00
CA PRO A 88 -7.14 14.99 7.35
C PRO A 88 -8.49 14.73 7.98
N LYS A 89 -9.00 15.75 8.67
CA LYS A 89 -10.37 15.75 9.15
C LYS A 89 -11.28 16.44 8.12
N VAL A 90 -12.38 15.77 7.73
CA VAL A 90 -13.27 16.26 6.68
C VAL A 90 -14.71 16.13 7.15
N THR A 91 -15.48 17.22 7.03
CA THR A 91 -16.84 17.26 7.54
C THR A 91 -17.71 18.08 6.61
N PHE A 92 -18.93 17.60 6.36
CA PHE A 92 -19.90 18.40 5.65
C PHE A 92 -20.34 19.58 6.51
N ARG A 93 -20.53 20.74 5.87
CA ARG A 93 -21.19 21.85 6.55
C ARG A 93 -22.64 21.97 6.14
N THR A 94 -22.91 21.87 4.84
CA THR A 94 -24.25 21.66 4.38
C THR A 94 -24.89 20.46 5.08
N ARG A 95 -26.12 20.65 5.55
CA ARG A 95 -26.96 19.53 5.97
C ARG A 95 -27.15 18.57 4.79
N ILE A 96 -27.16 17.27 5.07
CA ILE A 96 -27.36 16.25 4.03
C ILE A 96 -27.99 15.01 4.64
N TYR A 97 -28.84 14.35 3.83
CA TYR A 97 -29.64 13.18 4.24
C TYR A 97 -28.98 11.94 3.67
N HIS A 98 -28.25 11.21 4.52
CA HIS A 98 -27.35 10.17 4.03
C HIS A 98 -27.05 9.26 5.22
N PRO A 99 -27.02 7.93 5.03
CA PRO A 99 -26.87 7.06 6.20
C PRO A 99 -25.48 7.08 6.83
N ASN A 100 -24.47 7.61 6.13
CA ASN A 100 -23.10 7.61 6.63
C ASN A 100 -22.62 9.00 7.05
N ILE A 101 -23.50 9.99 7.13
CA ILE A 101 -23.13 11.35 7.48
C ILE A 101 -24.11 11.81 8.54
N ASN A 102 -23.60 12.22 9.70
CA ASN A 102 -24.51 12.55 10.79
C ASN A 102 -24.91 14.03 10.76
N SER A 103 -25.69 14.43 11.77
CA SER A 103 -26.29 15.75 11.74
C SER A 103 -25.25 16.87 11.80
N GLN A 104 -24.07 16.58 12.35
CA GLN A 104 -23.00 17.57 12.40
C GLN A 104 -22.03 17.44 11.22
N GLY A 105 -22.34 16.59 10.23
CA GLY A 105 -21.47 16.46 9.07
C GLY A 105 -20.31 15.48 9.23
N VAL A 106 -20.22 14.76 10.34
CA VAL A 106 -19.19 13.73 10.46
C VAL A 106 -19.44 12.66 9.41
N ILE A 107 -18.37 12.20 8.78
CA ILE A 107 -18.47 11.22 7.71
C ILE A 107 -17.94 9.89 8.23
N CYS A 108 -18.62 8.81 7.87
CA CYS A 108 -18.15 7.44 8.13
C CYS A 108 -17.64 6.87 6.80
N LEU A 109 -16.34 7.00 6.58
CA LEU A 109 -15.66 6.54 5.37
C LEU A 109 -14.33 5.89 5.75
N ASP A 110 -14.10 4.70 5.19
CA ASP A 110 -12.97 3.86 5.59
C ASP A 110 -11.63 4.58 5.47
N ILE A 111 -11.36 5.22 4.33
CA ILE A 111 -10.08 5.85 4.10
C ILE A 111 -9.87 7.07 4.95
N LEU A 112 -10.89 7.54 5.67
CA LEU A 112 -10.70 8.62 6.62
C LEU A 112 -10.39 8.12 8.01
N LYS A 113 -10.41 6.80 8.23
CA LYS A 113 -9.91 6.27 9.50
C LYS A 113 -8.89 5.16 9.27
N ASP A 114 -9.33 3.90 9.18
CA ASP A 114 -8.39 2.78 9.22
C ASP A 114 -7.81 2.42 7.87
N ASN A 115 -8.43 2.86 6.79
CA ASN A 115 -7.85 2.66 5.47
C ASN A 115 -7.03 3.84 4.98
N TRP A 116 -6.71 4.80 5.84
CA TRP A 116 -5.91 5.91 5.36
C TRP A 116 -4.49 5.45 5.04
N SER A 117 -3.93 5.99 3.97
CA SER A 117 -2.61 5.64 3.48
C SER A 117 -1.91 6.91 3.03
N PRO A 118 -0.62 7.07 3.32
CA PRO A 118 0.12 8.24 2.82
C PRO A 118 0.03 8.39 1.31
N ALA A 119 -0.27 7.30 0.59
CA ALA A 119 -0.43 7.36 -0.85
C ALA A 119 -1.66 8.15 -1.25
N LEU A 120 -2.68 8.20 -0.39
CA LEU A 120 -3.90 8.90 -0.73
C LEU A 120 -3.69 10.40 -0.65
N THR A 121 -4.38 11.11 -1.53
CA THR A 121 -4.37 12.56 -1.60
C THR A 121 -5.77 13.07 -1.35
N ILE A 122 -5.85 14.40 -1.18
CA ILE A 122 -7.12 15.05 -0.92
C ILE A 122 -8.03 14.98 -2.14
N SER A 123 -7.49 14.90 -3.36
CA SER A 123 -8.34 14.63 -4.50
C SER A 123 -9.02 13.29 -4.35
N LYS A 124 -8.27 12.30 -3.90
CA LYS A 124 -8.82 10.95 -3.78
C LYS A 124 -9.90 10.93 -2.73
N VAL A 125 -9.70 11.65 -1.62
CA VAL A 125 -10.72 11.71 -0.58
C VAL A 125 -12.02 12.25 -1.17
N LEU A 126 -11.92 13.26 -2.03
CA LEU A 126 -13.12 13.86 -2.63
C LEU A 126 -13.79 12.91 -3.63
N LEU A 127 -13.01 12.23 -4.47
CA LEU A 127 -13.61 11.20 -5.34
C LEU A 127 -14.38 10.19 -4.50
N SER A 128 -13.73 9.63 -3.45
CA SER A 128 -14.36 8.65 -2.58
C SER A 128 -15.60 9.20 -1.93
N ILE A 129 -15.53 10.45 -1.45
CA ILE A 129 -16.73 11.07 -0.90
C ILE A 129 -17.82 11.15 -1.97
N SER A 130 -17.44 11.41 -3.22
CA SER A 130 -18.48 11.48 -4.23
C SER A 130 -19.08 10.11 -4.46
N SER A 131 -18.23 9.09 -4.47
CA SER A 131 -18.67 7.73 -4.64
C SER A 131 -19.56 7.30 -3.46
N LEU A 132 -19.20 7.72 -2.24
CA LEU A 132 -20.04 7.42 -1.08
C LEU A 132 -21.42 8.07 -1.18
N LEU A 133 -21.53 9.22 -1.85
CA LEU A 133 -22.86 9.83 -2.04
C LEU A 133 -23.69 9.02 -3.02
N THR A 134 -23.09 8.47 -4.06
CA THR A 134 -23.91 7.66 -4.96
C THR A 134 -24.07 6.24 -4.47
N ASP A 135 -23.24 5.76 -3.55
CA ASP A 135 -23.38 4.39 -3.05
C ASP A 135 -23.19 4.37 -1.55
N PRO A 136 -24.23 4.67 -0.80
CA PRO A 136 -24.14 4.63 0.67
C PRO A 136 -23.60 3.29 1.16
N ASN A 137 -22.99 3.30 2.34
CA ASN A 137 -22.50 2.06 2.95
C ASN A 137 -23.35 1.71 4.18
N PRO A 138 -24.52 1.08 3.98
CA PRO A 138 -25.37 0.77 5.14
C PRO A 138 -24.75 -0.20 6.13
N ALA A 139 -23.62 -0.84 5.80
CA ALA A 139 -22.97 -1.74 6.75
C ALA A 139 -22.30 -1.01 7.91
N ASP A 140 -21.93 0.26 7.74
CA ASP A 140 -21.34 1.08 8.81
C ASP A 140 -22.15 2.37 8.91
N PRO A 141 -23.37 2.28 9.43
CA PRO A 141 -24.26 3.46 9.46
C PRO A 141 -23.81 4.48 10.48
N LEU A 142 -24.08 5.74 10.18
CA LEU A 142 -23.94 6.82 11.15
C LEU A 142 -25.27 7.48 11.50
N VAL A 143 -26.34 7.24 10.74
CA VAL A 143 -27.68 7.64 11.15
C VAL A 143 -28.56 6.40 11.00
N GLY A 144 -29.03 5.86 12.12
CA GLY A 144 -29.65 4.55 12.08
C GLY A 144 -30.93 4.53 11.27
N SER A 145 -31.84 5.46 11.56
CA SER A 145 -33.10 5.52 10.84
C SER A 145 -32.89 5.68 9.34
N ILE A 146 -31.86 6.41 8.93
CA ILE A 146 -31.65 6.63 7.50
C ILE A 146 -31.06 5.39 6.85
N ALA A 147 -30.13 4.73 7.53
CA ALA A 147 -29.59 3.46 7.03
C ALA A 147 -30.67 2.39 6.98
N THR A 148 -31.55 2.39 7.98
CA THR A 148 -32.71 1.49 8.01
C THR A 148 -33.66 1.78 6.84
N GLN A 149 -34.04 3.05 6.69
CA GLN A 149 -34.91 3.43 5.59
C GLN A 149 -34.26 3.18 4.25
N TYR A 150 -32.93 3.28 4.17
CA TYR A 150 -32.26 3.03 2.90
C TYR A 150 -32.42 1.59 2.45
N MET A 151 -32.54 0.69 3.40
CA MET A 151 -32.62 -0.71 3.08
C MET A 151 -34.04 -1.25 2.96
N THR A 152 -34.96 -0.76 3.78
CA THR A 152 -36.30 -1.27 3.77
C THR A 152 -37.24 -0.42 2.89
N ASN A 153 -37.08 0.91 2.85
CA ASN A 153 -37.98 1.75 2.08
C ASN A 153 -37.05 2.68 1.28
N ARG A 154 -36.61 2.21 0.12
CA ARG A 154 -35.61 2.95 -0.63
C ARG A 154 -36.30 4.17 -1.22
N ALA A 155 -37.52 4.00 -1.71
CA ALA A 155 -38.19 5.10 -2.39
C ALA A 155 -38.41 6.27 -1.44
N GLU A 156 -38.76 5.97 -0.18
CA GLU A 156 -38.88 7.03 0.80
C GLU A 156 -37.52 7.63 1.14
N HIS A 157 -36.47 6.84 1.13
CA HIS A 157 -35.16 7.42 1.40
C HIS A 157 -34.78 8.40 0.30
N ASP A 158 -35.08 8.05 -0.95
CA ASP A 158 -34.72 8.94 -2.06
C ASP A 158 -35.57 10.20 -2.04
N ARG A 159 -36.86 10.08 -1.73
CA ARG A 159 -37.71 11.26 -1.63
C ARG A 159 -37.19 12.23 -0.56
N MET A 160 -36.66 11.70 0.55
CA MET A 160 -36.17 12.58 1.60
C MET A 160 -34.83 13.19 1.20
N ALA A 161 -33.92 12.39 0.65
CA ALA A 161 -32.64 12.94 0.22
C ALA A 161 -32.85 14.00 -0.85
N ARG A 162 -33.81 13.80 -1.74
CA ARG A 162 -34.08 14.83 -2.74
C ARG A 162 -34.66 16.07 -2.08
N GLN A 163 -35.62 15.89 -1.18
CA GLN A 163 -36.20 17.03 -0.50
C GLN A 163 -35.15 17.81 0.29
N TRP A 164 -34.24 17.09 0.95
CA TRP A 164 -33.22 17.79 1.75
C TRP A 164 -32.23 18.53 0.87
N THR A 165 -31.83 17.92 -0.25
CA THR A 165 -30.98 18.59 -1.22
C THR A 165 -31.59 19.90 -1.67
N LYS A 166 -32.89 19.88 -1.98
CA LYS A 166 -33.55 21.10 -2.44
C LYS A 166 -33.64 22.13 -1.32
N ARG A 167 -33.81 21.68 -0.08
CA ARG A 167 -34.05 22.64 1.01
C ARG A 167 -32.76 23.15 1.63
N TYR A 168 -31.69 22.33 1.69
CA TYR A 168 -30.48 22.70 2.41
C TYR A 168 -29.28 22.98 1.52
N ALA A 169 -29.23 22.43 0.32
CA ALA A 169 -28.01 22.43 -0.47
C ALA A 169 -28.01 23.37 -1.66
N THR A 170 -28.85 24.39 -1.58
CA THR A 170 -28.98 25.35 -2.66
C THR A 170 -28.64 26.79 -2.24
N LEU B 10 13.19 2.14 -36.72
CA LEU B 10 14.21 3.16 -37.04
C LEU B 10 13.78 4.04 -38.23
N GLU B 11 12.73 4.86 -37.99
CA GLU B 11 12.31 6.01 -38.79
C GLU B 11 11.97 5.71 -40.26
N VAL B 12 12.83 4.99 -40.98
CA VAL B 12 12.60 4.65 -42.38
C VAL B 12 11.45 3.65 -42.54
N LEU B 13 10.85 3.23 -41.42
CA LEU B 13 9.69 2.35 -41.46
C LEU B 13 8.39 3.09 -41.19
N PHE B 14 8.48 4.28 -40.61
CA PHE B 14 7.35 5.10 -40.25
C PHE B 14 7.33 6.37 -41.09
N GLN B 15 6.28 7.15 -40.88
CA GLN B 15 5.99 8.35 -41.63
C GLN B 15 5.14 9.23 -40.71
N GLY B 16 5.00 10.52 -41.08
CA GLY B 16 4.23 11.43 -40.26
C GLY B 16 4.91 11.72 -38.93
N PRO B 17 4.13 12.19 -37.95
CA PRO B 17 4.75 12.59 -36.67
C PRO B 17 5.56 11.49 -36.00
N ASN B 18 5.09 10.23 -36.03
CA ASN B 18 5.82 9.14 -35.39
C ASN B 18 7.28 9.12 -35.82
N SER B 19 7.54 9.22 -37.12
CA SER B 19 8.92 9.24 -37.60
C SER B 19 9.68 10.44 -37.05
N LYS B 20 9.04 11.61 -37.01
CA LYS B 20 9.67 12.77 -36.37
C LYS B 20 10.08 12.47 -34.94
N LEU B 21 9.16 11.91 -34.14
CA LEU B 21 9.47 11.64 -32.75
C LEU B 21 10.59 10.62 -32.64
N LEU B 22 10.57 9.60 -33.50
CA LEU B 22 11.62 8.59 -33.47
C LEU B 22 13.00 9.20 -33.74
N SER B 23 13.14 9.94 -34.84
CA SER B 23 14.45 10.51 -35.17
C SER B 23 14.87 11.56 -34.14
N THR B 24 13.93 12.41 -33.70
CA THR B 24 14.22 13.38 -32.66
C THR B 24 14.73 12.71 -31.39
N SER B 25 13.94 11.78 -30.84
CA SER B 25 14.37 11.09 -29.62
C SER B 25 15.73 10.42 -29.81
N ALA B 26 15.92 9.73 -30.94
CA ALA B 26 17.19 9.05 -31.18
C ALA B 26 18.35 10.05 -31.16
N LYS B 27 18.17 11.19 -31.81
CA LYS B 27 19.23 12.18 -31.87
C LYS B 27 19.60 12.64 -30.48
N ARG B 28 18.61 12.92 -29.64
CA ARG B 28 18.88 13.39 -28.28
C ARG B 28 19.56 12.32 -27.43
N ILE B 29 19.08 11.08 -27.50
CA ILE B 29 19.67 10.01 -26.69
C ILE B 29 21.12 9.76 -27.09
N GLN B 30 21.41 9.74 -28.39
CA GLN B 30 22.80 9.60 -28.82
C GLN B 30 23.67 10.74 -28.28
N LYS B 31 23.18 11.99 -28.35
CA LYS B 31 23.94 13.10 -27.79
C LYS B 31 24.19 12.91 -26.31
N GLU B 32 23.17 12.52 -25.53
CA GLU B 32 23.38 12.32 -24.10
C GLU B 32 24.34 11.17 -23.85
N LEU B 33 24.36 10.17 -24.73
CA LEU B 33 25.27 9.06 -24.54
C LEU B 33 26.71 9.52 -24.73
N ALA B 34 26.97 10.31 -25.77
CA ALA B 34 28.32 10.79 -25.96
C ALA B 34 28.76 11.64 -24.77
N ASP B 35 27.83 12.41 -24.22
CA ASP B 35 28.15 13.32 -23.13
C ASP B 35 28.39 12.57 -21.83
N ILE B 36 27.50 11.62 -21.50
CA ILE B 36 27.67 10.91 -20.23
C ILE B 36 28.89 10.00 -20.29
N THR B 37 29.38 9.67 -21.49
CA THR B 37 30.60 8.88 -21.59
C THR B 37 31.86 9.74 -21.47
N LEU B 38 31.78 10.98 -21.98
CA LEU B 38 32.84 11.97 -21.78
C LEU B 38 32.95 12.36 -20.31
N ASP B 39 31.83 12.73 -19.70
CA ASP B 39 31.83 13.34 -18.36
C ASP B 39 30.77 12.71 -17.49
N PRO B 40 30.97 11.47 -17.06
CA PRO B 40 29.94 10.79 -16.27
C PRO B 40 29.76 11.50 -14.93
N PRO B 41 28.59 11.39 -14.30
CA PRO B 41 28.43 11.90 -12.92
C PRO B 41 29.23 11.05 -11.94
N PRO B 42 29.56 11.58 -10.76
CA PRO B 42 30.33 10.79 -9.80
C PRO B 42 29.55 9.55 -9.37
N ASN B 43 30.28 8.42 -9.24
CA ASN B 43 29.71 7.16 -8.77
C ASN B 43 28.60 6.64 -9.68
N SER B 44 28.70 6.89 -10.98
CA SER B 44 27.61 6.42 -11.84
C SER B 44 28.11 6.25 -13.26
N SER B 45 27.52 5.28 -13.96
CA SER B 45 27.77 5.04 -15.36
C SER B 45 26.45 4.63 -16.00
N ALA B 46 26.35 4.78 -17.32
CA ALA B 46 25.13 4.35 -17.97
C ALA B 46 25.37 4.25 -19.48
N GLY B 47 24.65 3.35 -20.11
CA GLY B 47 24.79 3.15 -21.53
C GLY B 47 23.85 2.08 -22.01
N PRO B 48 23.69 1.96 -23.31
CA PRO B 48 22.78 0.98 -23.89
C PRO B 48 23.14 -0.49 -23.61
N LYS B 49 22.15 -1.33 -23.33
CA LYS B 49 22.43 -2.72 -22.98
C LYS B 49 22.87 -3.53 -24.16
N GLY B 50 22.41 -3.17 -25.33
CA GLY B 50 22.76 -3.89 -26.52
C GLY B 50 22.65 -2.95 -27.71
N ASP B 51 21.74 -3.22 -28.64
CA ASP B 51 21.66 -2.36 -29.81
C ASP B 51 20.50 -1.37 -29.76
N ASN B 52 19.42 -1.70 -29.07
CA ASN B 52 18.31 -0.74 -28.90
C ASN B 52 18.75 0.41 -28.00
N ILE B 53 18.95 1.60 -28.59
CA ILE B 53 19.42 2.73 -27.80
C ILE B 53 18.35 3.33 -26.90
N TYR B 54 17.13 2.79 -26.92
CA TYR B 54 16.12 3.22 -25.95
C TYR B 54 16.22 2.48 -24.63
N GLU B 55 17.03 1.43 -24.58
CA GLU B 55 17.20 0.58 -23.40
C GLU B 55 18.57 0.79 -22.84
N TRP B 56 18.67 1.50 -21.73
CA TRP B 56 19.95 1.69 -21.09
C TRP B 56 20.04 0.90 -19.80
N ARG B 57 21.25 0.87 -19.28
CA ARG B 57 21.50 0.25 -18.00
C ARG B 57 22.42 1.20 -17.29
N SER B 58 22.40 1.23 -15.98
CA SER B 58 23.24 2.08 -15.15
C SER B 58 23.71 1.34 -13.91
N THR B 59 24.87 1.75 -13.43
CA THR B 59 25.41 1.36 -12.14
C THR B 59 25.61 2.61 -11.29
N ILE B 60 25.04 2.62 -10.09
CA ILE B 60 25.33 3.67 -9.10
C ILE B 60 26.00 3.05 -7.88
N LEU B 61 27.03 3.71 -7.39
CA LEU B 61 27.68 3.34 -6.14
C LEU B 61 27.01 4.09 -4.99
N GLY B 62 26.86 3.40 -3.86
CA GLY B 62 26.34 4.00 -2.67
C GLY B 62 27.11 5.26 -2.34
N PRO B 63 26.39 6.37 -2.18
CA PRO B 63 27.06 7.64 -1.90
C PRO B 63 27.85 7.54 -0.60
N PRO B 64 29.13 7.89 -0.62
CA PRO B 64 29.94 7.76 0.59
C PRO B 64 29.38 8.57 1.76
N GLY B 65 29.59 8.06 2.97
CA GLY B 65 29.04 8.65 4.16
C GLY B 65 27.63 8.23 4.49
N SER B 66 26.90 7.68 3.52
CA SER B 66 25.52 7.26 3.70
C SER B 66 25.43 5.79 4.12
N VAL B 67 24.25 5.41 4.59
CA VAL B 67 23.96 4.04 4.99
C VAL B 67 24.07 3.03 3.85
N TYR B 68 24.19 3.49 2.60
CA TYR B 68 24.30 2.61 1.44
C TYR B 68 25.72 2.51 0.93
N GLU B 69 26.66 3.14 1.62
CA GLU B 69 28.07 3.10 1.23
C GLU B 69 28.55 1.66 1.09
N GLY B 70 29.30 1.41 0.02
CA GLY B 70 29.76 0.09 -0.32
C GLY B 70 28.80 -0.73 -1.17
N GLY B 71 27.53 -0.36 -1.21
CA GLY B 71 26.62 -1.01 -2.13
C GLY B 71 26.93 -0.67 -3.57
N VAL B 72 26.57 -1.58 -4.47
CA VAL B 72 26.71 -1.40 -5.90
C VAL B 72 25.34 -1.68 -6.51
N PHE B 73 24.67 -0.65 -7.01
CA PHE B 73 23.26 -0.77 -7.37
C PHE B 73 23.09 -0.67 -8.89
N PHE B 74 22.18 -1.49 -9.42
CA PHE B 74 21.92 -1.52 -10.85
C PHE B 74 20.55 -0.94 -11.16
N LEU B 75 20.49 -0.11 -12.21
CA LEU B 75 19.29 0.59 -12.65
C LEU B 75 18.95 0.14 -14.05
N ASP B 76 17.66 0.08 -14.34
CA ASP B 76 17.18 -0.06 -15.71
C ASP B 76 16.61 1.29 -16.15
N ILE B 77 17.01 1.75 -17.33
CA ILE B 77 16.59 3.04 -17.86
C ILE B 77 15.96 2.82 -19.22
N THR B 78 14.73 3.31 -19.40
CA THR B 78 13.98 3.11 -20.63
C THR B 78 13.52 4.46 -21.14
N PHE B 79 13.97 4.81 -22.34
CA PHE B 79 13.49 5.99 -23.04
C PHE B 79 12.35 5.60 -23.97
N THR B 80 11.39 6.51 -24.12
CA THR B 80 10.30 6.40 -25.08
C THR B 80 10.56 7.29 -26.29
N PRO B 81 9.88 7.05 -27.39
CA PRO B 81 10.00 7.96 -28.54
C PRO B 81 9.69 9.42 -28.22
N GLU B 82 9.03 9.70 -27.10
CA GLU B 82 8.70 11.08 -26.74
C GLU B 82 9.84 11.81 -26.05
N TYR B 83 10.94 11.13 -25.75
CA TYR B 83 12.07 11.78 -25.11
C TYR B 83 12.65 12.84 -26.04
N PRO B 84 13.03 14.02 -25.53
CA PRO B 84 13.12 14.49 -24.15
C PRO B 84 11.88 15.18 -23.62
N PHE B 85 10.76 15.08 -24.34
CA PHE B 85 9.55 15.76 -23.87
C PHE B 85 8.78 14.94 -22.86
N LYS B 86 9.15 13.68 -22.67
CA LYS B 86 8.62 12.87 -21.61
C LYS B 86 9.79 12.24 -20.87
N PRO B 87 9.71 12.15 -19.56
CA PRO B 87 10.82 11.61 -18.80
C PRO B 87 11.07 10.17 -19.21
N PRO B 88 12.21 9.61 -18.84
CA PRO B 88 12.46 8.19 -19.08
C PRO B 88 11.91 7.40 -17.90
N LYS B 89 11.81 6.08 -18.09
CA LYS B 89 11.49 5.17 -16.99
C LYS B 89 12.79 4.73 -16.31
N VAL B 90 12.85 4.87 -15.00
CA VAL B 90 14.03 4.50 -14.24
C VAL B 90 13.60 3.67 -13.05
N THR B 91 14.10 2.44 -12.97
CA THR B 91 13.74 1.58 -11.85
C THR B 91 14.98 0.91 -11.29
N PHE B 92 15.02 0.75 -9.97
CA PHE B 92 16.09 -0.02 -9.34
C PHE B 92 15.91 -1.50 -9.66
N ARG B 93 16.97 -2.13 -10.13
CA ARG B 93 16.98 -3.57 -10.25
C ARG B 93 17.58 -4.25 -9.03
N THR B 94 18.42 -3.56 -8.27
CA THR B 94 18.95 -4.10 -7.02
C THR B 94 17.97 -3.76 -5.91
N ARG B 95 17.60 -4.76 -5.13
CA ARG B 95 16.84 -4.56 -3.92
C ARG B 95 17.52 -3.51 -3.05
N ILE B 96 16.75 -2.52 -2.62
CA ILE B 96 17.23 -1.44 -1.77
C ILE B 96 16.15 -1.15 -0.72
N TYR B 97 16.60 -0.74 0.47
CA TYR B 97 15.74 -0.45 1.62
C TYR B 97 15.66 1.06 1.79
N HIS B 98 14.57 1.68 1.29
CA HIS B 98 14.50 3.13 1.16
C HIS B 98 13.06 3.62 1.12
N PRO B 99 12.71 4.67 1.88
CA PRO B 99 11.30 5.07 1.98
C PRO B 99 10.65 5.46 0.66
N ASN B 100 11.43 5.84 -0.36
CA ASN B 100 10.87 6.28 -1.65
C ASN B 100 11.09 5.29 -2.78
N ILE B 101 11.68 4.12 -2.50
CA ILE B 101 11.84 3.07 -3.51
C ILE B 101 11.13 1.84 -2.99
N ASN B 102 10.21 1.30 -3.79
CA ASN B 102 9.44 0.14 -3.35
C ASN B 102 10.17 -1.18 -3.69
N SER B 103 9.52 -2.30 -3.35
CA SER B 103 10.12 -3.62 -3.56
C SER B 103 10.30 -3.95 -5.03
N GLN B 104 9.61 -3.24 -5.92
CA GLN B 104 9.82 -3.42 -7.35
C GLN B 104 10.90 -2.49 -7.93
N GLY B 105 11.55 -1.66 -7.11
CA GLY B 105 12.52 -0.72 -7.64
C GLY B 105 11.92 0.53 -8.25
N VAL B 106 10.60 0.72 -8.16
CA VAL B 106 9.96 1.96 -8.59
C VAL B 106 10.42 3.09 -7.68
N ILE B 107 10.75 4.24 -8.29
CA ILE B 107 11.30 5.39 -7.58
C ILE B 107 10.26 6.51 -7.54
N CYS B 108 10.15 7.17 -6.39
CA CYS B 108 9.29 8.35 -6.22
C CYS B 108 10.19 9.59 -6.18
N LEU B 109 10.32 10.25 -7.31
CA LEU B 109 11.23 11.37 -7.47
C LEU B 109 10.55 12.31 -8.42
N ASP B 110 10.40 13.57 -8.01
CA ASP B 110 9.52 14.50 -8.73
C ASP B 110 9.94 14.63 -10.19
N ILE B 111 11.24 14.76 -10.46
CA ILE B 111 11.66 15.04 -11.82
C ILE B 111 11.34 13.89 -12.76
N LEU B 112 11.08 12.69 -12.22
CA LEU B 112 10.66 11.56 -13.03
C LEU B 112 9.15 11.48 -13.21
N LYS B 113 8.39 12.43 -12.65
CA LYS B 113 6.96 12.51 -12.87
C LYS B 113 6.60 13.89 -13.36
N ASP B 114 6.06 14.75 -12.52
CA ASP B 114 5.47 16.01 -12.94
C ASP B 114 6.48 17.15 -13.04
N ASN B 115 7.74 16.93 -12.71
CA ASN B 115 8.74 18.00 -12.77
C ASN B 115 9.79 17.73 -13.84
N TRP B 116 9.52 16.80 -14.74
CA TRP B 116 10.45 16.59 -15.84
C TRP B 116 10.50 17.86 -16.67
N SER B 117 11.57 17.97 -17.46
CA SER B 117 11.74 19.07 -18.40
C SER B 117 12.81 18.68 -19.40
N PRO B 118 12.64 18.98 -20.68
CA PRO B 118 13.67 18.66 -21.69
C PRO B 118 15.03 19.27 -21.39
N ALA B 119 15.14 20.12 -20.37
CA ALA B 119 16.43 20.61 -19.92
C ALA B 119 17.16 19.61 -19.03
N LEU B 120 16.45 18.67 -18.44
CA LEU B 120 17.12 17.67 -17.65
C LEU B 120 17.70 16.58 -18.55
N THR B 121 18.79 16.00 -18.09
CA THR B 121 19.49 14.94 -18.80
C THR B 121 19.50 13.68 -17.96
N ILE B 122 19.91 12.59 -18.59
CA ILE B 122 20.08 11.36 -17.84
C ILE B 122 21.14 11.54 -16.76
N SER B 123 22.18 12.32 -17.03
CA SER B 123 23.21 12.56 -16.01
C SER B 123 22.64 13.26 -14.79
N LYS B 124 21.76 14.24 -15.01
CA LYS B 124 21.13 14.94 -13.90
C LYS B 124 20.15 14.02 -13.16
N VAL B 125 19.44 13.16 -13.89
CA VAL B 125 18.56 12.19 -13.24
C VAL B 125 19.38 11.29 -12.31
N LEU B 126 20.56 10.82 -12.78
CA LEU B 126 21.41 9.99 -11.93
C LEU B 126 21.88 10.76 -10.71
N LEU B 127 22.20 12.06 -10.88
CA LEU B 127 22.63 12.89 -9.77
C LEU B 127 21.52 13.06 -8.73
N SER B 128 20.27 13.13 -9.17
CA SER B 128 19.16 13.32 -8.24
C SER B 128 18.82 12.03 -7.52
N ILE B 129 18.99 10.89 -8.18
CA ILE B 129 18.82 9.61 -7.48
C ILE B 129 19.84 9.47 -6.35
N SER B 130 21.09 9.92 -6.57
CA SER B 130 22.06 9.86 -5.47
C SER B 130 21.69 10.82 -4.34
N SER B 131 21.17 12.02 -4.67
CA SER B 131 20.67 12.91 -3.61
C SER B 131 19.52 12.25 -2.85
N LEU B 132 18.61 11.60 -3.57
CA LEU B 132 17.52 10.88 -2.92
C LEU B 132 18.07 9.83 -1.97
N LEU B 133 19.10 9.10 -2.41
CA LEU B 133 19.73 8.11 -1.53
C LEU B 133 20.23 8.74 -0.25
N THR B 134 20.92 9.88 -0.34
CA THR B 134 21.50 10.45 0.87
C THR B 134 20.45 11.16 1.74
N ASP B 135 19.47 11.83 1.12
CA ASP B 135 18.45 12.59 1.85
C ASP B 135 17.08 12.17 1.31
N PRO B 136 16.48 11.15 1.92
CA PRO B 136 15.16 10.70 1.48
C PRO B 136 14.11 11.75 1.78
N ASN B 137 12.96 11.61 1.10
CA ASN B 137 11.84 12.54 1.15
C ASN B 137 10.61 11.80 1.70
N PRO B 138 10.38 11.86 3.01
CA PRO B 138 9.25 11.10 3.57
C PRO B 138 7.90 11.75 3.34
N ALA B 139 7.88 13.00 2.86
CA ALA B 139 6.61 13.64 2.52
C ALA B 139 5.88 12.90 1.42
N ASP B 140 6.60 12.17 0.57
CA ASP B 140 6.04 11.49 -0.60
C ASP B 140 6.54 10.06 -0.64
N PRO B 141 6.16 9.25 0.35
CA PRO B 141 6.77 7.93 0.49
C PRO B 141 6.14 6.89 -0.43
N LEU B 142 6.90 5.83 -0.67
CA LEU B 142 6.42 4.68 -1.43
C LEU B 142 6.32 3.40 -0.61
N VAL B 143 6.96 3.35 0.55
CA VAL B 143 6.83 2.24 1.47
C VAL B 143 6.50 2.84 2.83
N GLY B 144 5.26 2.63 3.30
CA GLY B 144 4.82 3.23 4.54
C GLY B 144 5.72 2.92 5.72
N SER B 145 5.98 1.63 5.95
CA SER B 145 6.76 1.20 7.12
C SER B 145 8.11 1.89 7.17
N ILE B 146 8.83 1.89 6.06
CA ILE B 146 10.17 2.49 6.08
C ILE B 146 10.06 4.00 6.28
N ALA B 147 9.08 4.65 5.65
CA ALA B 147 8.95 6.09 5.84
C ALA B 147 8.72 6.45 7.31
N THR B 148 7.75 5.79 7.95
CA THR B 148 7.55 5.97 9.39
C THR B 148 8.85 5.78 10.15
N GLN B 149 9.51 4.64 9.92
CA GLN B 149 10.72 4.31 10.67
C GLN B 149 11.83 5.32 10.42
N TYR B 150 11.89 5.91 9.23
CA TYR B 150 12.89 6.94 8.99
C TYR B 150 12.63 8.14 9.90
N MET B 151 11.36 8.51 10.08
CA MET B 151 11.03 9.74 10.81
C MET B 151 10.91 9.56 12.31
N THR B 152 10.69 8.34 12.80
CA THR B 152 10.70 8.07 14.23
C THR B 152 11.93 7.35 14.80
N ASN B 153 12.44 6.36 14.07
CA ASN B 153 13.45 5.40 14.56
C ASN B 153 14.44 5.51 13.39
N ARG B 154 15.33 6.51 13.42
CA ARG B 154 16.23 6.75 12.30
C ARG B 154 17.31 5.71 12.51
N ALA B 155 17.66 5.45 13.78
CA ALA B 155 18.70 4.47 14.10
C ALA B 155 18.33 3.09 13.55
N GLU B 156 17.13 2.59 13.87
CA GLU B 156 16.75 1.29 13.36
C GLU B 156 16.59 1.30 11.84
N HIS B 157 16.18 2.42 11.27
CA HIS B 157 16.11 2.53 9.82
C HIS B 157 17.51 2.41 9.21
N ASP B 158 18.50 3.01 9.85
CA ASP B 158 19.89 2.93 9.38
C ASP B 158 20.40 1.51 9.44
N ARG B 159 20.16 0.82 10.56
CA ARG B 159 20.65 -0.55 10.71
C ARG B 159 20.05 -1.46 9.65
N MET B 160 18.82 -1.18 9.25
CA MET B 160 18.18 -2.00 8.22
C MET B 160 18.71 -1.66 6.84
N ALA B 161 19.11 -0.44 6.63
CA ALA B 161 19.56 -0.04 5.33
C ALA B 161 20.95 -0.54 5.06
N ARG B 162 21.75 -0.60 6.10
CA ARG B 162 23.11 -1.09 5.97
C ARG B 162 23.09 -2.58 5.78
N GLN B 163 22.20 -3.25 6.47
CA GLN B 163 22.10 -4.68 6.37
C GLN B 163 21.68 -5.07 5.00
N TRP B 164 20.68 -4.38 4.49
CA TRP B 164 20.21 -4.69 3.17
C TRP B 164 21.25 -4.37 2.16
N THR B 165 21.97 -3.27 2.36
CA THR B 165 23.07 -2.96 1.47
C THR B 165 24.01 -4.15 1.38
N LYS B 166 24.35 -4.74 2.53
CA LYS B 166 25.31 -5.84 2.58
C LYS B 166 24.80 -7.07 1.82
N ARG B 167 23.56 -7.49 2.08
CA ARG B 167 23.02 -8.65 1.38
C ARG B 167 22.95 -8.40 -0.13
N TYR B 168 22.18 -7.39 -0.53
CA TYR B 168 21.72 -7.32 -1.91
C TYR B 168 22.58 -6.47 -2.82
N ALA B 169 23.26 -5.46 -2.29
CA ALA B 169 24.04 -4.56 -3.13
C ALA B 169 25.53 -4.78 -2.97
N THR B 170 25.90 -5.93 -2.45
CA THR B 170 27.29 -6.22 -2.11
C THR B 170 27.57 -7.70 -2.34
N SER C 19 -5.20 -44.42 28.49
CA SER C 19 -3.74 -44.57 28.58
C SER C 19 -3.08 -43.33 29.21
N LYS C 20 -3.90 -42.44 29.78
CA LYS C 20 -3.45 -41.24 30.50
C LYS C 20 -2.69 -40.29 29.58
N LEU C 21 -2.69 -40.56 28.27
CA LEU C 21 -2.20 -39.57 27.32
C LEU C 21 -3.34 -38.60 27.06
N LEU C 22 -4.56 -39.12 27.00
CA LEU C 22 -5.73 -38.24 26.89
C LEU C 22 -5.76 -37.25 28.04
N SER C 23 -5.23 -37.63 29.20
CA SER C 23 -5.19 -36.71 30.34
C SER C 23 -4.08 -35.66 30.14
N THR C 24 -2.92 -36.06 29.62
CA THR C 24 -1.82 -35.12 29.48
C THR C 24 -2.05 -34.16 28.32
N SER C 25 -2.63 -34.64 27.21
CA SER C 25 -2.95 -33.75 26.10
C SER C 25 -4.04 -32.75 26.49
N ALA C 26 -4.96 -33.15 27.37
CA ALA C 26 -5.99 -32.23 27.85
C ALA C 26 -5.36 -31.07 28.61
N LYS C 27 -4.52 -31.37 29.60
CA LYS C 27 -3.90 -30.32 30.40
C LYS C 27 -3.15 -29.33 29.51
N ARG C 28 -2.34 -29.84 28.57
CA ARG C 28 -1.50 -28.95 27.77
C ARG C 28 -2.35 -28.10 26.83
N ILE C 29 -3.45 -28.64 26.31
CA ILE C 29 -4.28 -27.90 25.38
C ILE C 29 -5.09 -26.84 26.12
N GLN C 30 -5.72 -27.21 27.24
CA GLN C 30 -6.43 -26.22 28.04
C GLN C 30 -5.49 -25.10 28.49
N LYS C 31 -4.22 -25.42 28.74
CA LYS C 31 -3.25 -24.39 29.05
C LYS C 31 -2.96 -23.52 27.83
N GLU C 32 -2.80 -24.13 26.66
CA GLU C 32 -2.53 -23.34 25.47
C GLU C 32 -3.72 -22.47 25.08
N LEU C 33 -4.96 -22.96 25.30
CA LEU C 33 -6.13 -22.12 25.06
C LEU C 33 -6.16 -20.93 26.01
N ALA C 34 -5.87 -21.15 27.29
CA ALA C 34 -5.80 -20.05 28.23
C ALA C 34 -4.71 -19.07 27.84
N ASP C 35 -3.57 -19.59 27.38
CA ASP C 35 -2.47 -18.74 26.95
C ASP C 35 -2.87 -17.86 25.77
N ILE C 36 -3.46 -18.46 24.74
CA ILE C 36 -3.67 -17.75 23.48
C ILE C 36 -4.85 -16.78 23.57
N THR C 37 -5.84 -17.07 24.42
CA THR C 37 -6.87 -16.08 24.68
C THR C 37 -6.27 -14.85 25.34
N LEU C 38 -5.37 -15.05 26.31
CA LEU C 38 -4.79 -13.94 27.06
C LEU C 38 -3.84 -13.13 26.18
N ASP C 39 -2.94 -13.81 25.47
CA ASP C 39 -1.88 -13.16 24.70
C ASP C 39 -1.78 -13.76 23.31
N PRO C 40 -2.70 -13.44 22.42
CA PRO C 40 -2.73 -14.04 21.10
C PRO C 40 -1.63 -13.48 20.21
N PRO C 41 -1.19 -14.23 19.22
CA PRO C 41 -0.22 -13.70 18.26
C PRO C 41 -0.80 -12.50 17.53
N PRO C 42 0.02 -11.64 16.94
CA PRO C 42 -0.53 -10.53 16.14
C PRO C 42 -1.34 -11.08 14.97
N ASN C 43 -2.49 -10.46 14.73
CA ASN C 43 -3.27 -10.76 13.53
C ASN C 43 -3.75 -12.21 13.47
N SER C 44 -4.03 -12.81 14.63
CA SER C 44 -4.37 -14.22 14.65
C SER C 44 -5.26 -14.46 15.85
N SER C 45 -6.13 -15.46 15.72
CA SER C 45 -7.00 -15.89 16.80
C SER C 45 -7.15 -17.40 16.64
N ALA C 46 -7.47 -18.08 17.74
CA ALA C 46 -7.70 -19.53 17.68
C ALA C 46 -8.48 -19.99 18.91
N GLY C 47 -9.40 -20.92 18.69
CA GLY C 47 -10.26 -21.40 19.75
C GLY C 47 -10.93 -22.69 19.30
N PRO C 48 -11.42 -23.49 20.21
CA PRO C 48 -12.08 -24.74 19.79
C PRO C 48 -13.34 -24.59 18.96
N LYS C 49 -13.63 -25.53 18.07
CA LYS C 49 -14.85 -25.51 17.26
C LYS C 49 -16.17 -26.05 17.80
N GLY C 50 -16.15 -27.15 18.57
CA GLY C 50 -17.31 -27.78 19.20
C GLY C 50 -17.15 -27.72 20.71
N ASP C 51 -17.54 -28.80 21.37
CA ASP C 51 -17.25 -28.89 22.78
C ASP C 51 -15.95 -29.69 22.85
N ASN C 52 -15.51 -30.26 21.72
CA ASN C 52 -14.27 -31.02 21.66
C ASN C 52 -13.04 -30.15 21.70
N ILE C 53 -12.37 -30.13 22.82
CA ILE C 53 -11.22 -29.24 23.00
C ILE C 53 -10.08 -29.61 22.05
N TYR C 54 -10.23 -30.70 21.30
CA TYR C 54 -9.21 -31.17 20.36
C TYR C 54 -9.44 -30.68 18.93
N GLU C 55 -10.50 -29.93 18.69
CA GLU C 55 -10.77 -29.38 17.36
C GLU C 55 -10.90 -27.88 17.48
N TRP C 56 -10.07 -27.16 16.75
CA TRP C 56 -10.07 -25.73 16.85
C TRP C 56 -10.25 -25.04 15.55
N ARG C 57 -10.53 -23.76 15.62
CA ARG C 57 -10.65 -22.97 14.44
C ARG C 57 -9.72 -21.81 14.66
N SER C 58 -9.23 -21.23 13.59
CA SER C 58 -8.31 -20.11 13.65
C SER C 58 -8.72 -19.10 12.59
N THR C 59 -8.41 -17.84 12.87
CA THR C 59 -8.51 -16.77 11.90
C THR C 59 -7.14 -16.11 11.81
N ILE C 60 -6.66 -15.92 10.58
CA ILE C 60 -5.39 -15.25 10.33
C ILE C 60 -5.64 -14.15 9.31
N LEU C 61 -5.23 -12.91 9.61
CA LEU C 61 -5.25 -11.86 8.60
C LEU C 61 -3.97 -11.92 7.78
N GLY C 62 -4.06 -11.45 6.53
CA GLY C 62 -2.91 -11.36 5.67
C GLY C 62 -1.88 -10.46 6.33
N PRO C 63 -0.65 -10.92 6.49
CA PRO C 63 0.39 -10.06 7.11
C PRO C 63 0.43 -8.72 6.40
N PRO C 64 0.47 -7.61 7.15
CA PRO C 64 0.54 -6.29 6.51
C PRO C 64 1.90 -6.12 5.84
N GLY C 65 1.89 -5.44 4.70
CA GLY C 65 3.05 -5.35 3.84
C GLY C 65 3.10 -6.41 2.76
N SER C 66 2.34 -7.49 2.93
CA SER C 66 2.36 -8.66 2.08
C SER C 66 1.28 -8.60 1.00
N VAL C 67 1.44 -9.44 -0.01
CA VAL C 67 0.44 -9.54 -1.07
C VAL C 67 -0.90 -10.03 -0.56
N TYR C 68 -0.96 -10.51 0.69
CA TYR C 68 -2.18 -11.03 1.29
C TYR C 68 -2.91 -9.99 2.14
N GLU C 69 -2.36 -8.78 2.23
CA GLU C 69 -2.90 -7.74 3.09
C GLU C 69 -4.39 -7.53 2.82
N GLY C 70 -5.13 -7.22 3.88
CA GLY C 70 -6.57 -7.09 3.79
C GLY C 70 -7.32 -8.40 3.68
N GLY C 71 -6.62 -9.53 3.59
CA GLY C 71 -7.27 -10.81 3.50
C GLY C 71 -7.54 -11.38 4.88
N VAL C 72 -8.60 -12.16 4.98
CA VAL C 72 -8.95 -12.90 6.18
C VAL C 72 -9.02 -14.37 5.81
N PHE C 73 -8.25 -15.21 6.50
CA PHE C 73 -8.17 -16.62 6.16
C PHE C 73 -8.58 -17.46 7.36
N PHE C 74 -9.32 -18.55 7.12
CA PHE C 74 -9.70 -19.48 8.18
C PHE C 74 -8.85 -20.74 8.13
N LEU C 75 -8.46 -21.23 9.31
CA LEU C 75 -7.65 -22.43 9.44
C LEU C 75 -8.36 -23.41 10.34
N ASP C 76 -8.28 -24.69 10.00
CA ASP C 76 -8.78 -25.77 10.82
C ASP C 76 -7.61 -26.35 11.60
N ILE C 77 -7.77 -26.53 12.91
CA ILE C 77 -6.68 -27.10 13.71
C ILE C 77 -7.21 -28.31 14.49
N THR C 78 -6.52 -29.44 14.34
CA THR C 78 -6.95 -30.67 14.99
C THR C 78 -5.80 -31.24 15.79
N PHE C 79 -6.02 -31.49 17.08
CA PHE C 79 -5.04 -32.19 17.91
C PHE C 79 -5.41 -33.66 18.08
N THR C 80 -4.39 -34.50 18.30
CA THR C 80 -4.59 -35.90 18.70
C THR C 80 -4.34 -36.04 20.18
N PRO C 81 -4.77 -37.15 20.80
CA PRO C 81 -4.43 -37.36 22.21
C PRO C 81 -2.95 -37.49 22.48
N GLU C 82 -2.13 -37.61 21.45
CA GLU C 82 -0.68 -37.64 21.62
C GLU C 82 -0.06 -36.26 21.67
N TYR C 83 -0.85 -35.21 21.67
CA TYR C 83 -0.30 -33.87 21.79
C TYR C 83 0.23 -33.67 23.21
N PRO C 84 1.40 -33.03 23.39
CA PRO C 84 2.21 -32.31 22.40
C PRO C 84 3.32 -33.09 21.68
N PHE C 85 3.41 -34.41 21.88
CA PHE C 85 4.49 -35.18 21.24
C PHE C 85 4.22 -35.42 19.76
N LYS C 86 2.96 -35.38 19.32
CA LYS C 86 2.68 -35.41 17.90
C LYS C 86 2.11 -34.07 17.44
N PRO C 87 2.48 -33.57 16.26
CA PRO C 87 2.06 -32.22 15.87
C PRO C 87 0.57 -32.15 15.65
N PRO C 88 -0.03 -30.97 15.78
CA PRO C 88 -1.42 -30.81 15.38
C PRO C 88 -1.54 -30.79 13.87
N LYS C 89 -2.72 -31.18 13.39
CA LYS C 89 -3.01 -31.08 11.96
C LYS C 89 -3.57 -29.69 11.71
N VAL C 90 -2.98 -28.96 10.75
CA VAL C 90 -3.36 -27.58 10.45
C VAL C 90 -3.56 -27.43 8.95
N THR C 91 -4.70 -26.82 8.57
CA THR C 91 -5.08 -26.72 7.17
C THR C 91 -5.78 -25.38 6.91
N PHE C 92 -5.56 -24.83 5.72
CA PHE C 92 -6.31 -23.67 5.28
C PHE C 92 -7.70 -24.12 4.82
N ARG C 93 -8.73 -23.43 5.31
CA ARG C 93 -10.09 -23.59 4.82
C ARG C 93 -10.37 -22.62 3.68
N THR C 94 -9.74 -21.46 3.72
CA THR C 94 -9.83 -20.46 2.66
C THR C 94 -8.86 -20.75 1.53
N ARG C 95 -9.34 -20.57 0.30
CA ARG C 95 -8.45 -20.65 -0.86
C ARG C 95 -7.43 -19.54 -0.82
N ILE C 96 -6.17 -19.89 -1.09
CA ILE C 96 -5.08 -18.93 -1.05
C ILE C 96 -4.06 -19.33 -2.11
N TYR C 97 -3.40 -18.33 -2.71
CA TYR C 97 -2.46 -18.54 -3.81
C TYR C 97 -1.02 -18.42 -3.27
N HIS C 98 -0.32 -19.55 -3.17
CA HIS C 98 0.94 -19.61 -2.44
C HIS C 98 1.73 -20.84 -2.84
N PRO C 99 3.05 -20.75 -3.03
CA PRO C 99 3.80 -21.94 -3.46
C PRO C 99 3.84 -23.05 -2.42
N ASN C 100 3.71 -22.74 -1.12
CA ASN C 100 3.84 -23.73 -0.06
C ASN C 100 2.51 -24.24 0.46
N ILE C 101 1.40 -23.82 -0.15
CA ILE C 101 0.06 -24.23 0.25
C ILE C 101 -0.66 -24.74 -0.99
N ASN C 102 -1.21 -25.95 -0.92
CA ASN C 102 -1.86 -26.51 -2.10
C ASN C 102 -3.34 -26.13 -2.12
N SER C 103 -4.04 -26.56 -3.18
CA SER C 103 -5.45 -26.27 -3.35
C SER C 103 -6.34 -26.90 -2.29
N GLN C 104 -5.83 -27.79 -1.45
CA GLN C 104 -6.64 -28.36 -0.37
C GLN C 104 -6.34 -27.71 0.97
N GLY C 105 -5.52 -26.66 0.98
CA GLY C 105 -5.13 -26.02 2.21
C GLY C 105 -4.03 -26.74 2.96
N VAL C 106 -3.52 -27.86 2.44
CA VAL C 106 -2.37 -28.50 3.07
C VAL C 106 -1.20 -27.53 3.02
N ILE C 107 -0.45 -27.47 4.12
CA ILE C 107 0.61 -26.47 4.32
C ILE C 107 1.95 -27.20 4.34
N CYS C 108 2.89 -26.73 3.53
CA CYS C 108 4.25 -27.27 3.57
C CYS C 108 5.06 -26.40 4.52
N LEU C 109 5.27 -26.89 5.73
CA LEU C 109 5.91 -26.12 6.79
C LEU C 109 6.54 -27.13 7.75
N ASP C 110 7.85 -27.01 7.96
CA ASP C 110 8.61 -28.12 8.53
C ASP C 110 8.21 -28.41 9.97
N ILE C 111 7.88 -27.37 10.75
CA ILE C 111 7.55 -27.64 12.15
C ILE C 111 6.21 -28.34 12.29
N LEU C 112 5.39 -28.33 11.24
CA LEU C 112 4.14 -29.05 11.30
C LEU C 112 4.34 -30.55 11.18
N LYS C 113 5.53 -30.96 10.78
CA LYS C 113 5.78 -32.37 10.59
C LYS C 113 7.07 -32.86 11.17
N ASP C 114 8.11 -32.86 10.38
CA ASP C 114 9.40 -33.39 10.83
C ASP C 114 10.18 -32.61 11.85
N ASN C 115 10.02 -31.30 11.84
CA ASN C 115 10.71 -30.49 12.80
C ASN C 115 9.79 -30.13 13.94
N TRP C 116 8.66 -30.80 14.05
CA TRP C 116 7.82 -30.57 15.22
C TRP C 116 8.60 -30.81 16.51
N SER C 117 8.41 -29.92 17.47
CA SER C 117 8.96 -30.10 18.80
C SER C 117 7.85 -29.89 19.83
N PRO C 118 7.84 -30.67 20.90
CA PRO C 118 6.80 -30.49 21.93
C PRO C 118 6.86 -29.15 22.65
N ALA C 119 7.99 -28.45 22.60
CA ALA C 119 8.07 -27.09 23.15
C ALA C 119 7.38 -26.06 22.28
N LEU C 120 7.03 -26.44 21.05
CA LEU C 120 6.26 -25.57 20.20
C LEU C 120 4.80 -25.53 20.68
N THR C 121 4.16 -24.38 20.46
CA THR C 121 2.76 -24.14 20.79
C THR C 121 2.02 -23.68 19.55
N ILE C 122 0.69 -23.82 19.60
CA ILE C 122 -0.14 -23.36 18.52
C ILE C 122 0.09 -21.88 18.25
N SER C 123 0.42 -21.12 19.29
CA SER C 123 0.66 -19.71 19.04
C SER C 123 1.91 -19.50 18.18
N LYS C 124 2.92 -20.36 18.32
CA LYS C 124 4.11 -20.26 17.48
C LYS C 124 3.85 -20.79 16.08
N VAL C 125 2.97 -21.79 15.95
CA VAL C 125 2.62 -22.26 14.62
C VAL C 125 1.99 -21.13 13.81
N LEU C 126 1.08 -20.36 14.41
CA LEU C 126 0.46 -19.27 13.66
C LEU C 126 1.49 -18.24 13.24
N LEU C 127 2.37 -17.84 14.18
CA LEU C 127 3.44 -16.90 13.84
C LEU C 127 4.31 -17.45 12.70
N SER C 128 4.61 -18.75 12.71
CA SER C 128 5.38 -19.30 11.59
C SER C 128 4.57 -19.28 10.32
N ILE C 129 3.27 -19.61 10.41
CA ILE C 129 2.42 -19.54 9.23
C ILE C 129 2.37 -18.11 8.71
N SER C 130 2.11 -17.14 9.60
CA SER C 130 2.12 -15.73 9.19
C SER C 130 3.42 -15.39 8.49
N SER C 131 4.52 -15.90 9.04
CA SER C 131 5.83 -15.62 8.46
C SER C 131 5.99 -16.33 7.12
N LEU C 132 5.40 -17.52 6.97
CA LEU C 132 5.43 -18.18 5.67
C LEU C 132 4.63 -17.38 4.65
N LEU C 133 3.60 -16.66 5.11
CA LEU C 133 2.80 -15.88 4.19
C LEU C 133 3.59 -14.69 3.66
N THR C 134 4.37 -14.04 4.52
CA THR C 134 5.23 -12.95 4.09
C THR C 134 6.42 -13.43 3.26
N ASP C 135 6.97 -14.61 3.56
CA ASP C 135 8.17 -15.12 2.89
C ASP C 135 7.98 -16.58 2.50
N PRO C 136 7.47 -16.83 1.29
CA PRO C 136 7.30 -18.23 0.86
C PRO C 136 8.64 -18.93 0.74
N ASN C 137 8.60 -20.26 0.71
CA ASN C 137 9.80 -21.10 0.66
C ASN C 137 9.73 -21.92 -0.64
N PRO C 138 10.15 -21.34 -1.76
CA PRO C 138 10.10 -22.07 -3.04
C PRO C 138 11.20 -23.13 -3.19
N ALA C 139 12.10 -23.28 -2.22
CA ALA C 139 12.90 -24.49 -2.14
C ALA C 139 12.11 -25.68 -1.61
N ASP C 140 10.83 -25.50 -1.28
CA ASP C 140 10.01 -26.53 -0.64
C ASP C 140 8.59 -26.44 -1.19
N PRO C 141 8.43 -26.65 -2.49
CA PRO C 141 7.16 -26.29 -3.15
C PRO C 141 6.06 -27.32 -2.94
N LEU C 142 4.82 -26.83 -2.82
CA LEU C 142 3.66 -27.70 -2.83
C LEU C 142 2.76 -27.50 -4.05
N VAL C 143 2.83 -26.36 -4.73
CA VAL C 143 2.21 -26.18 -6.04
C VAL C 143 3.27 -25.66 -6.99
N GLY C 144 3.64 -26.49 -7.96
CA GLY C 144 4.83 -26.19 -8.76
C GLY C 144 4.70 -24.92 -9.57
N SER C 145 3.58 -24.76 -10.27
CA SER C 145 3.40 -23.58 -11.11
C SER C 145 3.56 -22.30 -10.29
N ILE C 146 2.97 -22.26 -9.10
CA ILE C 146 3.08 -21.06 -8.29
C ILE C 146 4.53 -20.83 -7.88
N ALA C 147 5.23 -21.88 -7.47
CA ALA C 147 6.61 -21.74 -7.02
C ALA C 147 7.53 -21.29 -8.16
N THR C 148 7.47 -21.96 -9.30
CA THR C 148 8.33 -21.58 -10.42
C THR C 148 8.06 -20.14 -10.83
N GLN C 149 6.79 -19.72 -10.82
CA GLN C 149 6.45 -18.35 -11.19
C GLN C 149 6.82 -17.36 -10.11
N TYR C 150 6.88 -17.79 -8.86
CA TYR C 150 7.40 -16.93 -7.79
C TYR C 150 8.88 -16.59 -8.01
N MET C 151 9.61 -17.43 -8.74
CA MET C 151 11.03 -17.26 -8.99
C MET C 151 11.32 -16.65 -10.36
N THR C 152 10.58 -17.06 -11.40
CA THR C 152 10.71 -16.41 -12.70
C THR C 152 10.11 -15.01 -12.84
N ASN C 153 8.84 -14.83 -12.48
CA ASN C 153 8.11 -13.58 -12.66
C ASN C 153 7.47 -13.33 -11.29
N ARG C 154 8.19 -12.60 -10.42
CA ARG C 154 7.65 -12.34 -9.07
C ARG C 154 6.51 -11.35 -9.19
N ALA C 155 6.65 -10.39 -10.10
CA ALA C 155 5.63 -9.35 -10.24
C ALA C 155 4.28 -9.94 -10.62
N GLU C 156 4.27 -10.94 -11.52
CA GLU C 156 3.01 -11.61 -11.80
C GLU C 156 2.54 -12.42 -10.61
N HIS C 157 3.48 -13.02 -9.87
CA HIS C 157 3.09 -13.77 -8.69
C HIS C 157 2.33 -12.90 -7.72
N ASP C 158 2.90 -11.75 -7.38
CA ASP C 158 2.25 -10.83 -6.45
C ASP C 158 0.87 -10.42 -6.96
N ARG C 159 0.74 -10.21 -8.28
CA ARG C 159 -0.55 -9.81 -8.87
C ARG C 159 -1.58 -10.91 -8.75
N MET C 160 -1.18 -12.15 -9.02
CA MET C 160 -2.12 -13.27 -8.89
C MET C 160 -2.52 -13.51 -7.44
N ALA C 161 -1.60 -13.30 -6.50
CA ALA C 161 -1.92 -13.52 -5.10
C ALA C 161 -2.79 -12.38 -4.53
N ARG C 162 -2.66 -11.18 -5.09
CA ARG C 162 -3.56 -10.10 -4.68
C ARG C 162 -4.97 -10.37 -5.19
N GLN C 163 -5.10 -10.79 -6.41
CA GLN C 163 -6.39 -11.14 -6.96
C GLN C 163 -7.05 -12.22 -6.13
N TRP C 164 -6.30 -13.24 -5.77
CA TRP C 164 -6.93 -14.34 -5.05
C TRP C 164 -7.34 -13.92 -3.64
N THR C 165 -6.55 -13.07 -3.02
CA THR C 165 -6.91 -12.51 -1.72
C THR C 165 -8.28 -11.85 -1.79
N LYS C 166 -8.48 -10.98 -2.79
CA LYS C 166 -9.72 -10.22 -2.93
C LYS C 166 -10.92 -11.14 -3.23
N ARG C 167 -10.78 -12.04 -4.21
CA ARG C 167 -11.89 -12.90 -4.60
C ARG C 167 -12.29 -13.86 -3.48
N TYR C 168 -11.33 -14.29 -2.66
CA TYR C 168 -11.55 -15.44 -1.80
C TYR C 168 -11.49 -15.14 -0.32
N ALA C 169 -10.75 -14.12 0.09
CA ALA C 169 -10.48 -13.90 1.51
C ALA C 169 -10.97 -12.55 1.95
N THR C 170 -11.73 -11.88 1.11
CA THR C 170 -12.27 -10.56 1.38
C THR C 170 -13.78 -10.60 1.20
N CYS D 1 -17.29 4.01 13.23
CA CYS D 1 -17.05 5.45 13.27
C CYS D 1 -17.63 6.09 14.53
N GLU D 2 -16.94 7.09 15.05
CA GLU D 2 -17.47 7.86 16.15
C GLU D 2 -18.51 8.87 15.63
N GLY D 3 -19.46 9.22 16.50
CA GLY D 3 -20.51 10.15 16.15
C GLY D 3 -21.83 9.54 15.71
N TYR D 4 -22.12 8.29 16.08
CA TYR D 4 -23.36 7.64 15.67
C TYR D 4 -24.58 8.33 16.29
N GLU D 5 -25.67 8.40 15.49
CA GLU D 5 -26.96 8.97 15.85
C GLU D 5 -28.06 8.02 15.42
N SER D 6 -29.10 7.89 16.24
CA SER D 6 -30.23 7.04 15.88
C SER D 6 -31.04 7.69 14.77
N CYS E 1 3.10 9.22 -6.74
CA CYS E 1 3.75 8.10 -7.41
C CYS E 1 2.90 6.84 -7.34
N GLU E 2 2.82 6.14 -8.46
CA GLU E 2 2.25 4.81 -8.43
C GLU E 2 3.22 3.82 -7.79
N GLY E 3 2.68 2.71 -7.32
CA GLY E 3 3.48 1.66 -6.72
C GLY E 3 3.58 1.68 -5.21
N TYR E 4 2.73 2.42 -4.51
CA TYR E 4 2.85 2.49 -3.06
C TYR E 4 2.68 1.10 -2.44
N GLU E 5 3.38 0.89 -1.33
CA GLU E 5 3.34 -0.34 -0.56
C GLU E 5 3.32 0.03 0.91
N SER E 6 2.57 -0.72 1.71
CA SER E 6 2.64 -0.51 3.16
C SER E 6 4.02 -0.95 3.64
N CYS F 1 6.14 -32.78 1.68
CA CYS F 1 5.04 -32.41 2.57
C CYS F 1 3.81 -33.24 2.22
N GLU F 2 3.98 -34.12 1.24
CA GLU F 2 3.03 -35.20 0.95
C GLU F 2 1.70 -34.79 0.30
N GLY F 3 1.59 -33.60 -0.26
CA GLY F 3 0.40 -33.27 -1.03
C GLY F 3 0.56 -32.54 -2.35
N TYR F 4 1.69 -32.74 -3.03
CA TYR F 4 2.10 -31.90 -4.14
C TYR F 4 1.10 -31.79 -5.29
N GLU F 5 1.06 -30.61 -5.93
CA GLU F 5 0.21 -30.36 -7.08
C GLU F 5 1.01 -29.64 -8.15
N SER F 6 0.72 -29.94 -9.41
CA SER F 6 1.33 -29.15 -10.47
C SER F 6 0.87 -27.70 -10.40
#